data_7CMZ
#
_entry.id   7CMZ
#
_cell.length_a   54.517
_cell.length_b   60.350
_cell.length_c   66.030
_cell.angle_alpha   90.000
_cell.angle_beta   90.000
_cell.angle_gamma   90.000
#
_symmetry.space_group_name_H-M   'P 21 21 21'
#
loop_
_entity.id
_entity.type
_entity.pdbx_description
1 polymer 'DNA topoisomerase 2-binding protein 1'
2 polymer 'Histone lysine demethylase PHF8'
3 non-polymer 'POTASSIUM ION'
4 non-polymer 'SODIUM ION'
5 water water
#
loop_
_entity_poly.entity_id
_entity_poly.type
_entity_poly.pdbx_seq_one_letter_code
_entity_poly.pdbx_strand_id
1 'polypeptide(L)'
;LKKQYIFQLSSLNPQERIDYCHLIEKLGGLVIEKQCFDPTCTHIVVGHPLRNEKYLASVAAGKWVLHRSYLEACRTAGHF
VQEEDYEWGSSSILDVLTGINVQQRRLALAAMRWRKKIQQRQESGIVEGAFSGWKVILHVDQSREAGFKRLLQSGGAKVL
PGHSVPLFKEATHLFSDLNKLKPDDSGVNIAEAAAQNVYCLRTEYIADYLMQESPPHVENYCLPEAISFI
;
A
2 'polypeptide(L)' GACFKDAEYIYPSLESDDDDPA B
#
loop_
_chem_comp.id
_chem_comp.type
_chem_comp.name
_chem_comp.formula
K non-polymer 'POTASSIUM ION' 'K 1'
NA non-polymer 'SODIUM ION' 'Na 1'
#
# COMPACT_ATOMS: atom_id res chain seq x y z
N LYS A 3 9.88 -15.07 11.45
CA LYS A 3 11.20 -15.65 11.80
C LYS A 3 12.29 -14.58 11.73
N GLN A 4 12.52 -13.99 10.56
CA GLN A 4 13.41 -12.79 10.43
C GLN A 4 12.52 -11.55 10.24
N TYR A 5 12.55 -10.65 11.21
CA TYR A 5 11.68 -9.44 11.26
C TYR A 5 12.46 -8.32 10.58
N ILE A 6 11.82 -7.66 9.62
CA ILE A 6 12.47 -6.54 8.88
C ILE A 6 11.51 -5.36 8.93
N PHE A 7 11.94 -4.26 9.53
CA PHE A 7 11.04 -3.12 9.80
C PHE A 7 11.37 -1.91 8.93
N GLN A 8 10.33 -1.19 8.55
CA GLN A 8 10.47 0.23 8.17
C GLN A 8 9.63 1.06 9.14
N LEU A 9 10.03 2.31 9.32
CA LEU A 9 9.32 3.27 10.19
C LEU A 9 8.79 4.42 9.35
N SER A 10 7.63 4.97 9.71
CA SER A 10 7.02 6.13 9.03
C SER A 10 6.32 7.03 10.03
N SER A 11 6.35 8.31 9.73
CA SER A 11 5.57 9.37 10.45
CA SER A 11 5.55 9.33 10.45
C SER A 11 5.84 9.29 11.95
N LEU A 12 7.10 9.10 12.32
CA LEU A 12 7.50 9.10 13.74
C LEU A 12 8.36 10.33 14.00
N ASN A 13 8.44 10.71 15.27
CA ASN A 13 9.30 11.85 15.69
C ASN A 13 10.75 11.35 15.71
N PRO A 14 11.70 12.30 15.68
CA PRO A 14 13.12 11.93 15.66
C PRO A 14 13.63 11.06 16.82
N GLN A 15 13.25 11.38 18.06
CA GLN A 15 13.77 10.63 19.23
C GLN A 15 13.22 9.20 19.14
N GLU A 16 11.94 9.07 18.79
CA GLU A 16 11.30 7.75 18.53
C GLU A 16 12.06 6.93 17.50
N ARG A 17 12.27 7.53 16.35
CA ARG A 17 12.98 6.85 15.25
C ARG A 17 14.31 6.30 15.74
N ILE A 18 15.16 7.14 16.34
CA ILE A 18 16.46 6.67 16.87
C ILE A 18 16.27 5.53 17.88
N ASP A 19 15.35 5.68 18.82
CA ASP A 19 15.15 4.75 19.94
C ASP A 19 14.69 3.42 19.33
N TYR A 20 13.73 3.47 18.42
CA TYR A 20 13.10 2.23 17.88
C TYR A 20 14.06 1.49 16.96
N CYS A 21 14.86 2.21 16.15
CA CYS A 21 15.92 1.57 15.34
C CYS A 21 16.86 0.79 16.27
N HIS A 22 17.27 1.41 17.36
CA HIS A 22 18.18 0.80 18.37
C HIS A 22 17.52 -0.46 18.95
N LEU A 23 16.25 -0.36 19.33
CA LEU A 23 15.51 -1.47 19.94
C LEU A 23 15.36 -2.62 18.96
N ILE A 24 14.95 -2.31 17.74
CA ILE A 24 14.71 -3.36 16.73
C ILE A 24 16.01 -4.17 16.52
N GLU A 25 17.13 -3.50 16.41
CA GLU A 25 18.43 -4.17 16.13
C GLU A 25 18.79 -5.02 17.34
N LYS A 26 18.54 -4.49 18.53
CA LYS A 26 18.85 -5.15 19.81
C LYS A 26 18.04 -6.45 19.91
N LEU A 27 16.80 -6.47 19.40
CA LEU A 27 15.97 -7.70 19.42
C LEU A 27 16.20 -8.62 18.22
N GLY A 28 17.21 -8.34 17.40
CA GLY A 28 17.62 -9.19 16.28
C GLY A 28 16.88 -8.91 14.99
N GLY A 29 16.12 -7.82 14.91
CA GLY A 29 15.51 -7.37 13.65
C GLY A 29 16.43 -6.53 12.77
N LEU A 30 16.02 -6.35 11.53
CA LEU A 30 16.71 -5.46 10.58
C LEU A 30 15.86 -4.20 10.45
N VAL A 31 16.50 -3.04 10.33
CA VAL A 31 15.76 -1.80 10.01
C VAL A 31 16.17 -1.33 8.62
N ILE A 32 15.20 -1.10 7.76
CA ILE A 32 15.45 -0.45 6.46
C ILE A 32 15.30 1.05 6.68
N GLU A 33 16.42 1.78 6.68
CA GLU A 33 16.42 3.22 7.06
C GLU A 33 16.08 4.08 5.85
N LYS A 34 16.18 3.52 4.63
CA LYS A 34 15.86 4.29 3.39
C LYS A 34 14.37 4.62 3.38
N GLN A 35 14.05 5.75 2.74
CA GLN A 35 12.74 6.42 2.85
C GLN A 35 11.68 5.73 1.98
N CYS A 36 11.97 5.32 0.75
CA CYS A 36 10.88 4.67 -0.03
C CYS A 36 10.50 3.31 0.56
N PHE A 37 9.26 2.90 0.30
CA PHE A 37 8.78 1.57 0.74
C PHE A 37 9.71 0.53 0.13
N ASP A 38 10.09 -0.47 0.93
CA ASP A 38 10.91 -1.59 0.44
C ASP A 38 10.18 -2.89 0.71
N PRO A 39 9.79 -3.65 -0.35
CA PRO A 39 9.04 -4.88 -0.17
C PRO A 39 9.79 -5.98 0.59
N THR A 40 11.07 -5.77 0.93
CA THR A 40 11.84 -6.69 1.79
C THR A 40 11.25 -6.64 3.19
N CYS A 41 10.65 -5.51 3.58
CA CYS A 41 10.16 -5.38 4.96
C CYS A 41 9.03 -6.38 5.21
N THR A 42 8.85 -6.77 6.46
CA THR A 42 7.74 -7.60 6.96
C THR A 42 6.78 -6.77 7.81
N HIS A 43 7.32 -5.75 8.47
CA HIS A 43 6.59 -4.93 9.48
C HIS A 43 6.84 -3.45 9.24
N ILE A 44 5.79 -2.64 9.32
CA ILE A 44 5.94 -1.18 9.25
C ILE A 44 5.25 -0.59 10.46
N VAL A 45 5.97 0.28 11.15
CA VAL A 45 5.44 0.96 12.34
C VAL A 45 5.22 2.42 11.92
N VAL A 46 3.97 2.88 12.02
CA VAL A 46 3.64 4.23 11.47
C VAL A 46 2.97 5.04 12.56
N GLY A 47 3.31 6.31 12.62
CA GLY A 47 2.75 7.21 13.65
C GLY A 47 1.30 7.55 13.34
N HIS A 48 0.94 7.65 12.07
CA HIS A 48 -0.47 7.86 11.68
C HIS A 48 -0.68 7.33 10.27
N PRO A 49 -1.82 6.72 9.98
CA PRO A 49 -2.11 6.38 8.58
C PRO A 49 -2.25 7.61 7.67
N LEU A 50 -1.72 7.51 6.46
CA LEU A 50 -1.87 8.52 5.41
C LEU A 50 -2.11 7.80 4.09
N ARG A 51 -2.85 8.47 3.22
CA ARG A 51 -3.15 7.94 1.88
C ARG A 51 -1.99 8.29 0.96
N ASN A 52 -0.76 7.98 1.38
CA ASN A 52 0.45 8.27 0.57
C ASN A 52 1.04 6.95 0.08
N GLU A 53 2.10 7.07 -0.69
CA GLU A 53 2.66 5.93 -1.44
C GLU A 53 3.23 4.89 -0.47
N LYS A 54 3.92 5.33 0.56
CA LYS A 54 4.57 4.39 1.49
C LYS A 54 3.52 3.58 2.25
N TYR A 55 2.46 4.23 2.74
CA TYR A 55 1.40 3.52 3.47
C TYR A 55 0.63 2.60 2.51
N LEU A 56 0.18 3.14 1.38
CA LEU A 56 -0.64 2.35 0.42
C LEU A 56 0.17 1.17 -0.13
N ALA A 57 1.46 1.33 -0.31
CA ALA A 57 2.30 0.22 -0.80
C ALA A 57 2.37 -0.87 0.28
N SER A 58 2.47 -0.52 1.56
CA SER A 58 2.52 -1.51 2.67
CA SER A 58 2.51 -1.48 2.70
C SER A 58 1.20 -2.28 2.73
N VAL A 59 0.07 -1.59 2.50
CA VAL A 59 -1.24 -2.24 2.44
C VAL A 59 -1.28 -3.18 1.20
N ALA A 60 -0.90 -2.71 0.04
CA ALA A 60 -0.99 -3.49 -1.22
C ALA A 60 -0.15 -4.77 -1.10
N ALA A 61 0.92 -4.73 -0.32
CA ALA A 61 1.81 -5.88 -0.06
C ALA A 61 1.35 -6.70 1.13
N GLY A 62 0.35 -6.27 1.89
CA GLY A 62 -0.14 -7.03 3.04
C GLY A 62 0.83 -7.09 4.19
N LYS A 63 1.61 -6.03 4.42
CA LYS A 63 2.55 -6.01 5.57
C LYS A 63 1.76 -5.82 6.88
N TRP A 64 2.37 -6.17 7.99
CA TRP A 64 1.92 -5.71 9.33
C TRP A 64 2.06 -4.20 9.40
N VAL A 65 0.95 -3.50 9.52
CA VAL A 65 0.94 -2.03 9.71
C VAL A 65 0.56 -1.75 11.17
N LEU A 66 1.55 -1.36 11.97
CA LEU A 66 1.46 -1.44 13.45
C LEU A 66 1.54 -0.08 14.10
N HIS A 67 0.86 0.02 15.22
CA HIS A 67 0.95 1.18 16.12
C HIS A 67 2.27 1.10 16.92
N ARG A 68 2.85 2.25 17.28
CA ARG A 68 4.15 2.30 18.02
C ARG A 68 4.10 1.54 19.34
N SER A 69 2.93 1.38 19.93
CA SER A 69 2.76 0.62 21.20
C SER A 69 3.23 -0.83 21.01
N TYR A 70 3.25 -1.33 19.77
CA TYR A 70 3.88 -2.64 19.47
C TYR A 70 5.32 -2.65 19.99
N LEU A 71 6.12 -1.65 19.61
CA LEU A 71 7.56 -1.66 20.01
C LEU A 71 7.74 -1.42 21.50
N GLU A 72 6.84 -0.69 22.14
CA GLU A 72 6.90 -0.57 23.62
C GLU A 72 6.65 -1.95 24.23
N ALA A 73 5.71 -2.73 23.70
CA ALA A 73 5.43 -4.09 24.25
C ALA A 73 6.66 -4.99 24.02
N CYS A 74 7.30 -4.89 22.88
CA CYS A 74 8.54 -5.67 22.58
C CYS A 74 9.62 -5.30 23.59
N ARG A 75 9.80 -4.02 23.87
CA ARG A 75 10.86 -3.54 24.79
C ARG A 75 10.62 -4.21 26.14
N THR A 76 9.38 -4.18 26.63
CA THR A 76 9.04 -4.73 27.97
C THR A 76 9.33 -6.22 27.97
N ALA A 77 8.94 -6.93 26.90
CA ALA A 77 9.11 -8.40 26.80
C ALA A 77 10.57 -8.78 26.56
N GLY A 78 11.35 -7.93 25.90
CA GLY A 78 12.71 -8.27 25.47
C GLY A 78 12.76 -9.19 24.26
N HIS A 79 11.69 -9.24 23.45
CA HIS A 79 11.60 -9.99 22.18
C HIS A 79 10.39 -9.44 21.41
N PHE A 80 10.32 -9.78 20.12
CA PHE A 80 9.19 -9.40 19.25
C PHE A 80 7.97 -10.16 19.76
N VAL A 81 6.90 -9.45 20.04
CA VAL A 81 5.64 -10.07 20.52
C VAL A 81 4.65 -10.26 19.37
N GLN A 82 3.56 -10.94 19.66
CA GLN A 82 2.49 -11.22 18.67
C GLN A 82 1.87 -9.88 18.22
N GLU A 83 1.77 -9.72 16.90
CA GLU A 83 1.42 -8.43 16.24
C GLU A 83 -0.06 -8.06 16.33
N GLU A 84 -0.99 -9.02 16.43
CA GLU A 84 -2.40 -8.78 16.08
C GLU A 84 -3.01 -7.63 16.89
N ASP A 85 -2.81 -7.60 18.21
CA ASP A 85 -3.42 -6.56 19.06
C ASP A 85 -2.80 -5.18 18.87
N TYR A 86 -1.78 -5.05 18.01
CA TYR A 86 -1.08 -3.74 17.76
C TYR A 86 -1.24 -3.31 16.31
N GLU A 87 -2.05 -4.02 15.55
CA GLU A 87 -2.38 -3.62 14.18
C GLU A 87 -3.21 -2.34 14.21
N TRP A 88 -2.91 -1.39 13.35
CA TRP A 88 -3.68 -0.12 13.31
C TRP A 88 -5.20 -0.37 13.21
N GLY A 89 -5.62 -1.35 12.43
CA GLY A 89 -7.05 -1.59 12.14
C GLY A 89 -7.72 -2.45 13.21
N SER A 90 -6.93 -2.90 14.18
CA SER A 90 -7.40 -3.85 15.20
C SER A 90 -8.37 -3.16 16.16
N SER A 91 -9.33 -3.88 16.73
CA SER A 91 -10.21 -3.24 17.75
CA SER A 91 -10.20 -3.26 17.76
C SER A 91 -9.35 -2.81 18.94
N SER A 92 -8.30 -3.56 19.26
CA SER A 92 -7.41 -3.23 20.40
CA SER A 92 -7.42 -3.22 20.42
C SER A 92 -6.83 -1.82 20.22
N ILE A 93 -6.28 -1.52 19.04
CA ILE A 93 -5.73 -0.16 18.83
C ILE A 93 -6.88 0.85 18.72
N LEU A 94 -7.96 0.54 18.00
CA LEU A 94 -9.02 1.58 17.82
C LEU A 94 -9.63 1.93 19.18
N ASP A 95 -9.65 0.98 20.11
CA ASP A 95 -10.03 1.21 21.54
C ASP A 95 -8.95 2.06 22.24
N VAL A 96 -7.67 1.78 22.02
CA VAL A 96 -6.52 2.52 22.62
C VAL A 96 -6.59 4.02 22.25
N LEU A 97 -6.95 4.41 21.00
CA LEU A 97 -6.90 5.83 20.56
C LEU A 97 -7.94 6.66 21.30
N THR A 98 -7.60 7.91 21.62
CA THR A 98 -8.59 8.87 22.20
C THR A 98 -9.57 9.23 21.08
N GLY A 99 -9.08 9.45 19.87
CA GLY A 99 -9.92 9.82 18.73
C GLY A 99 -9.24 9.45 17.45
N ILE A 100 -10.04 9.21 16.40
CA ILE A 100 -9.50 8.93 15.05
C ILE A 100 -10.48 9.54 14.01
N ASN A 101 -9.93 10.29 13.07
CA ASN A 101 -10.68 10.77 11.87
C ASN A 101 -11.15 9.58 11.01
N VAL A 102 -12.27 9.73 10.34
CA VAL A 102 -12.82 8.68 9.43
C VAL A 102 -11.75 8.25 8.38
N GLN A 103 -11.01 9.17 7.78
CA GLN A 103 -9.99 8.81 6.77
C GLN A 103 -8.95 7.85 7.37
N GLN A 104 -8.46 8.17 8.55
CA GLN A 104 -7.39 7.37 9.19
C GLN A 104 -8.01 6.04 9.62
N ARG A 105 -9.25 6.03 10.06
CA ARG A 105 -9.86 4.76 10.49
C ARG A 105 -9.97 3.86 9.26
N ARG A 106 -10.37 4.42 8.14
CA ARG A 106 -10.57 3.65 6.88
C ARG A 106 -9.23 3.11 6.39
N LEU A 107 -8.17 3.91 6.49
CA LEU A 107 -6.83 3.44 6.10
C LEU A 107 -6.38 2.33 7.04
N ALA A 108 -6.68 2.44 8.33
CA ALA A 108 -6.25 1.45 9.36
C ALA A 108 -6.95 0.11 9.09
N LEU A 109 -8.29 0.18 8.87
CA LEU A 109 -9.06 -1.04 8.57
C LEU A 109 -8.58 -1.67 7.24
N ALA A 110 -8.26 -0.87 6.23
CA ALA A 110 -7.75 -1.39 4.94
C ALA A 110 -6.45 -2.16 5.17
N ALA A 111 -5.53 -1.61 5.94
CA ALA A 111 -4.25 -2.30 6.22
C ALA A 111 -4.53 -3.67 6.84
N MET A 112 -5.40 -3.75 7.84
CA MET A 112 -5.71 -5.02 8.52
C MET A 112 -6.38 -6.01 7.55
N ARG A 113 -7.36 -5.54 6.78
CA ARG A 113 -8.10 -6.41 5.82
C ARG A 113 -7.13 -7.06 4.82
N TRP A 114 -6.22 -6.27 4.23
CA TRP A 114 -5.26 -6.79 3.22
C TRP A 114 -4.22 -7.66 3.91
N ARG A 115 -3.76 -7.29 5.09
CA ARG A 115 -2.78 -8.13 5.82
C ARG A 115 -3.42 -9.52 6.04
N LYS A 116 -4.65 -9.55 6.54
CA LYS A 116 -5.32 -10.86 6.81
C LYS A 116 -5.40 -11.70 5.53
N LYS A 117 -5.90 -11.12 4.46
CA LYS A 117 -6.06 -11.82 3.17
C LYS A 117 -4.71 -12.32 2.67
N ILE A 118 -3.71 -11.44 2.58
CA ILE A 118 -2.42 -11.80 1.93
C ILE A 118 -1.69 -12.79 2.83
N GLN A 119 -1.69 -12.61 4.15
CA GLN A 119 -0.93 -13.48 5.06
C GLN A 119 -1.62 -14.85 5.21
N GLN A 120 -2.94 -14.93 5.14
CA GLN A 120 -3.66 -16.24 5.16
C GLN A 120 -3.20 -17.06 3.94
N ARG A 121 -3.11 -16.44 2.76
CA ARG A 121 -2.64 -17.14 1.54
C ARG A 121 -1.16 -17.48 1.68
N GLN A 122 -0.35 -16.59 2.26
CA GLN A 122 1.09 -16.84 2.47
C GLN A 122 1.28 -18.11 3.32
N GLU A 123 0.45 -18.29 4.34
CA GLU A 123 0.51 -19.48 5.25
C GLU A 123 0.27 -20.75 4.42
N SER A 124 -0.48 -20.63 3.34
CA SER A 124 -0.77 -21.75 2.41
C SER A 124 0.26 -21.86 1.28
N GLY A 125 1.28 -21.00 1.21
CA GLY A 125 2.41 -21.17 0.30
C GLY A 125 2.32 -20.32 -0.95
N ILE A 126 1.45 -19.31 -0.97
CA ILE A 126 1.35 -18.39 -2.13
C ILE A 126 1.51 -16.95 -1.61
N VAL A 127 2.39 -16.19 -2.23
CA VAL A 127 2.52 -14.75 -1.90
C VAL A 127 1.96 -13.97 -3.08
N GLU A 128 0.87 -13.27 -2.86
CA GLU A 128 0.24 -12.42 -3.89
C GLU A 128 -0.17 -11.10 -3.22
N GLY A 129 0.10 -9.98 -3.87
CA GLY A 129 -0.33 -8.67 -3.38
C GLY A 129 -1.71 -8.30 -3.89
N ALA A 130 -2.19 -7.12 -3.50
CA ALA A 130 -3.55 -6.66 -3.84
C ALA A 130 -3.71 -6.53 -5.35
N PHE A 131 -2.63 -6.33 -6.09
CA PHE A 131 -2.67 -6.10 -7.55
C PHE A 131 -2.18 -7.33 -8.32
N SER A 132 -2.16 -8.48 -7.67
CA SER A 132 -1.80 -9.75 -8.32
C SER A 132 -2.66 -9.94 -9.60
N GLY A 133 -1.98 -10.21 -10.71
CA GLY A 133 -2.55 -10.47 -12.04
C GLY A 133 -2.77 -9.17 -12.80
N TRP A 134 -2.55 -8.00 -12.18
CA TRP A 134 -2.65 -6.72 -12.93
C TRP A 134 -1.44 -6.60 -13.87
N LYS A 135 -1.74 -6.26 -15.12
CA LYS A 135 -0.72 -5.92 -16.13
C LYS A 135 -1.07 -4.54 -16.65
N VAL A 136 -0.28 -3.54 -16.28
CA VAL A 136 -0.76 -2.14 -16.22
C VAL A 136 -0.03 -1.31 -17.25
N ILE A 137 -0.79 -0.54 -18.02
CA ILE A 137 -0.27 0.64 -18.78
C ILE A 137 -0.51 1.91 -17.95
N LEU A 138 0.54 2.66 -17.65
CA LEU A 138 0.41 3.99 -16.98
C LEU A 138 0.44 5.10 -18.02
N HIS A 139 -0.48 6.04 -17.91
CA HIS A 139 -0.54 7.28 -18.75
C HIS A 139 -0.81 8.44 -17.81
N VAL A 140 0.20 8.91 -17.08
CA VAL A 140 0.06 9.98 -16.07
C VAL A 140 1.16 11.02 -16.31
N ASP A 141 1.07 12.14 -15.60
CA ASP A 141 2.07 13.25 -15.63
C ASP A 141 3.43 12.63 -15.27
N GLN A 142 4.51 13.05 -15.93
CA GLN A 142 5.85 12.52 -15.61
C GLN A 142 6.14 12.61 -14.10
N SER A 143 5.71 13.66 -13.39
CA SER A 143 6.06 13.86 -11.96
C SER A 143 5.43 12.74 -11.12
N ARG A 144 4.38 12.13 -11.66
CA ARG A 144 3.59 11.13 -10.88
C ARG A 144 3.97 9.71 -11.28
N GLU A 145 4.63 9.51 -12.42
CA GLU A 145 4.78 8.17 -13.02
C GLU A 145 5.54 7.24 -12.05
N ALA A 146 6.66 7.67 -11.51
CA ALA A 146 7.53 6.76 -10.69
C ALA A 146 6.78 6.31 -9.43
N GLY A 147 6.03 7.19 -8.78
CA GLY A 147 5.29 6.84 -7.55
C GLY A 147 4.17 5.84 -7.85
N PHE A 148 3.45 6.04 -8.95
CA PHE A 148 2.42 5.04 -9.35
C PHE A 148 3.10 3.70 -9.64
N LYS A 149 4.25 3.71 -10.34
CA LYS A 149 4.92 2.44 -10.71
C LYS A 149 5.33 1.70 -9.44
N ARG A 150 5.95 2.40 -8.48
CA ARG A 150 6.42 1.80 -7.21
C ARG A 150 5.20 1.25 -6.46
N LEU A 151 4.10 2.01 -6.39
CA LEU A 151 2.90 1.54 -5.64
C LEU A 151 2.34 0.27 -6.29
N LEU A 152 2.19 0.29 -7.61
CA LEU A 152 1.64 -0.90 -8.32
C LEU A 152 2.56 -2.10 -8.14
N GLN A 153 3.86 -1.96 -8.35
CA GLN A 153 4.82 -3.07 -8.19
C GLN A 153 4.80 -3.62 -6.74
N SER A 154 4.64 -2.76 -5.73
CA SER A 154 4.55 -3.18 -4.30
C SER A 154 3.41 -4.16 -4.10
N GLY A 155 2.29 -3.97 -4.81
CA GLY A 155 1.12 -4.86 -4.73
C GLY A 155 1.16 -6.01 -5.71
N GLY A 156 2.26 -6.22 -6.42
CA GLY A 156 2.40 -7.39 -7.30
C GLY A 156 2.05 -7.11 -8.74
N ALA A 157 1.70 -5.88 -9.11
CA ALA A 157 1.33 -5.60 -10.52
C ALA A 157 2.59 -5.70 -11.39
N LYS A 158 2.44 -6.03 -12.66
CA LYS A 158 3.46 -5.83 -13.70
C LYS A 158 3.15 -4.51 -14.38
N VAL A 159 4.12 -3.64 -14.51
CA VAL A 159 3.92 -2.38 -15.24
C VAL A 159 4.58 -2.52 -16.60
N LEU A 160 3.80 -2.38 -17.65
CA LEU A 160 4.27 -2.62 -19.04
C LEU A 160 5.08 -1.40 -19.49
N PRO A 161 6.04 -1.61 -20.41
CA PRO A 161 6.93 -0.56 -20.89
C PRO A 161 6.27 0.32 -21.96
N GLY A 162 5.51 1.29 -21.50
CA GLY A 162 4.96 2.38 -22.31
C GLY A 162 3.50 2.15 -22.51
N HIS A 163 2.99 2.64 -23.62
CA HIS A 163 1.55 2.63 -23.90
C HIS A 163 1.28 2.30 -25.35
N SER A 164 2.17 1.62 -26.06
CA SER A 164 2.00 1.31 -27.50
CA SER A 164 1.98 1.34 -27.50
C SER A 164 0.93 0.23 -27.66
N VAL A 165 0.27 0.21 -28.80
CA VAL A 165 -0.87 -0.70 -29.11
C VAL A 165 -0.51 -2.15 -28.88
N PRO A 166 0.67 -2.67 -29.29
CA PRO A 166 0.99 -4.08 -29.05
C PRO A 166 0.86 -4.50 -27.58
N LEU A 167 0.95 -3.55 -26.65
CA LEU A 167 0.88 -3.85 -25.20
C LEU A 167 -0.57 -4.04 -24.76
N PHE A 168 -1.55 -3.66 -25.59
CA PHE A 168 -2.98 -3.71 -25.16
C PHE A 168 -3.44 -5.16 -25.00
N LYS A 169 -2.92 -6.11 -25.78
CA LYS A 169 -3.30 -7.53 -25.65
C LYS A 169 -2.98 -8.08 -24.24
N GLU A 170 -1.79 -7.81 -23.73
CA GLU A 170 -1.46 -8.39 -22.40
C GLU A 170 -2.02 -7.51 -21.28
N ALA A 171 -2.16 -6.22 -21.50
CA ALA A 171 -2.65 -5.32 -20.43
C ALA A 171 -4.04 -5.73 -19.91
N THR A 172 -4.23 -5.60 -18.59
CA THR A 172 -5.51 -5.75 -17.90
C THR A 172 -6.10 -4.38 -17.59
N HIS A 173 -5.23 -3.39 -17.32
CA HIS A 173 -5.64 -2.06 -16.82
C HIS A 173 -4.79 -1.01 -17.53
N LEU A 174 -5.40 0.11 -17.84
CA LEU A 174 -4.70 1.35 -18.25
C LEU A 174 -5.19 2.47 -17.34
N PHE A 175 -4.28 3.14 -16.63
CA PHE A 175 -4.68 4.21 -15.69
C PHE A 175 -4.22 5.54 -16.28
N SER A 176 -5.15 6.49 -16.34
CA SER A 176 -4.89 7.85 -16.86
C SER A 176 -5.40 8.86 -15.84
N ASP A 177 -4.61 9.92 -15.61
CA ASP A 177 -4.98 11.02 -14.68
C ASP A 177 -5.90 11.94 -15.50
N VAL A 188 -2.04 8.14 -26.70
CA VAL A 188 -2.54 6.74 -26.51
C VAL A 188 -4.00 6.70 -26.92
N ASN A 189 -4.39 5.65 -27.64
CA ASN A 189 -5.79 5.46 -28.09
C ASN A 189 -6.56 4.65 -27.03
N ILE A 190 -7.35 5.34 -26.20
CA ILE A 190 -8.13 4.72 -25.10
C ILE A 190 -9.17 3.75 -25.67
N ALA A 191 -9.95 4.17 -26.68
CA ALA A 191 -11.01 3.32 -27.28
C ALA A 191 -10.40 2.04 -27.85
N GLU A 192 -9.19 2.06 -28.40
CA GLU A 192 -8.58 0.82 -28.98
C GLU A 192 -8.18 -0.10 -27.82
N ALA A 193 -7.60 0.46 -26.75
CA ALA A 193 -7.25 -0.34 -25.57
C ALA A 193 -8.53 -0.98 -25.04
N ALA A 194 -9.61 -0.21 -24.90
CA ALA A 194 -10.90 -0.71 -24.34
C ALA A 194 -11.44 -1.85 -25.23
N ALA A 195 -11.25 -1.74 -26.55
CA ALA A 195 -11.66 -2.74 -27.56
C ALA A 195 -10.82 -4.02 -27.43
N GLN A 196 -9.66 -3.94 -26.79
CA GLN A 196 -8.74 -5.08 -26.56
C GLN A 196 -8.84 -5.55 -25.08
N ASN A 197 -9.98 -5.36 -24.44
CA ASN A 197 -10.33 -5.96 -23.10
C ASN A 197 -9.31 -5.46 -22.07
N VAL A 198 -9.13 -4.14 -22.06
CA VAL A 198 -8.31 -3.40 -21.07
C VAL A 198 -9.31 -2.56 -20.32
N TYR A 199 -9.31 -2.63 -19.00
CA TYR A 199 -10.03 -1.61 -18.21
C TYR A 199 -9.28 -0.30 -18.30
N CYS A 200 -9.94 0.74 -18.81
CA CYS A 200 -9.31 2.07 -18.96
C CYS A 200 -9.92 3.00 -17.92
N LEU A 201 -9.17 3.28 -16.86
CA LEU A 201 -9.73 3.80 -15.59
C LEU A 201 -8.99 5.05 -15.18
N ARG A 202 -9.69 5.91 -14.45
CA ARG A 202 -9.04 7.07 -13.82
C ARG A 202 -8.13 6.55 -12.70
N THR A 203 -7.11 7.32 -12.32
CA THR A 203 -6.14 6.92 -11.29
C THR A 203 -6.75 6.79 -9.89
N GLU A 204 -7.91 7.40 -9.62
CA GLU A 204 -8.59 7.29 -8.30
C GLU A 204 -8.86 5.82 -8.00
N TYR A 205 -8.98 4.97 -9.01
CA TYR A 205 -9.36 3.55 -8.81
C TYR A 205 -8.34 2.85 -7.92
N ILE A 206 -7.08 3.24 -8.04
CA ILE A 206 -5.99 2.49 -7.33
C ILE A 206 -6.17 2.66 -5.82
N ALA A 207 -6.20 3.88 -5.28
CA ALA A 207 -6.42 4.08 -3.84
C ALA A 207 -7.78 3.50 -3.43
N ASP A 208 -8.79 3.69 -4.27
CA ASP A 208 -10.16 3.33 -3.84
C ASP A 208 -10.26 1.81 -3.77
N TYR A 209 -9.57 1.11 -4.68
CA TYR A 209 -9.47 -0.36 -4.68
C TYR A 209 -8.86 -0.86 -3.38
N LEU A 210 -7.82 -0.17 -2.91
CA LEU A 210 -7.14 -0.59 -1.64
C LEU A 210 -8.04 -0.23 -0.46
N MET A 211 -8.77 0.88 -0.53
CA MET A 211 -9.49 1.41 0.67
C MET A 211 -10.91 0.85 0.85
N GLN A 212 -11.63 0.60 -0.20
CA GLN A 212 -13.07 0.24 -0.11
C GLN A 212 -13.21 -1.21 0.35
N GLU A 213 -14.17 -1.44 1.26
CA GLU A 213 -14.48 -2.76 1.84
C GLU A 213 -14.85 -3.75 0.73
N SER A 214 -15.64 -3.34 -0.27
CA SER A 214 -15.82 -4.19 -1.49
C SER A 214 -15.22 -3.50 -2.72
N PRO A 215 -14.82 -4.30 -3.72
CA PRO A 215 -14.17 -3.79 -4.91
C PRO A 215 -15.03 -2.68 -5.52
N PRO A 216 -14.43 -1.53 -5.85
CA PRO A 216 -15.17 -0.41 -6.43
C PRO A 216 -15.83 -0.85 -7.74
N HIS A 217 -16.94 -0.22 -8.07
CA HIS A 217 -17.61 -0.47 -9.38
C HIS A 217 -16.77 0.21 -10.47
N VAL A 218 -16.18 -0.55 -11.41
CA VAL A 218 -15.29 0.02 -12.49
C VAL A 218 -16.03 1.08 -13.31
N GLU A 219 -17.34 0.93 -13.45
CA GLU A 219 -18.20 1.88 -14.21
C GLU A 219 -18.02 3.32 -13.71
N ASN A 220 -17.81 3.48 -12.40
CA ASN A 220 -17.66 4.81 -11.75
C ASN A 220 -16.28 5.40 -12.10
N TYR A 221 -15.32 4.58 -12.58
CA TYR A 221 -13.91 4.99 -12.83
C TYR A 221 -13.55 4.93 -14.31
N CYS A 222 -14.47 4.49 -15.14
CA CYS A 222 -14.22 4.19 -16.56
C CYS A 222 -13.92 5.50 -17.26
N LEU A 223 -12.83 5.58 -18.03
CA LEU A 223 -12.49 6.81 -18.79
C LEU A 223 -13.50 7.01 -19.91
N PRO A 224 -13.76 8.28 -20.27
CA PRO A 224 -14.85 8.60 -21.20
C PRO A 224 -14.83 7.77 -22.49
N GLU A 225 -13.67 7.70 -23.14
CA GLU A 225 -13.46 7.04 -24.47
C GLU A 225 -13.76 5.54 -24.37
N ALA A 226 -13.74 4.96 -23.16
CA ALA A 226 -13.92 3.51 -22.94
C ALA A 226 -15.36 3.17 -22.50
N ILE A 227 -16.25 4.14 -22.34
CA ILE A 227 -17.57 3.86 -21.66
C ILE A 227 -18.36 2.77 -22.42
N SER A 228 -18.27 2.72 -23.76
CA SER A 228 -18.95 1.73 -24.64
C SER A 228 -18.59 0.27 -24.37
N PHE A 229 -17.48 -0.06 -23.70
CA PHE A 229 -16.88 -1.42 -23.71
C PHE A 229 -16.95 -2.13 -22.35
N GLY B 1 14.04 6.82 -5.74
CA GLY B 1 13.05 7.85 -6.14
C GLY B 1 13.21 9.10 -5.32
N ALA B 2 12.43 10.14 -5.69
CA ALA B 2 12.23 11.36 -4.90
C ALA B 2 11.28 10.97 -3.76
N CYS B 3 11.71 10.04 -2.91
CA CYS B 3 10.85 9.49 -1.83
C CYS B 3 10.39 10.58 -0.84
N PHE B 4 11.31 11.43 -0.39
CA PHE B 4 10.96 12.49 0.59
C PHE B 4 9.91 13.45 -0.05
N LYS B 5 10.11 13.85 -1.30
CA LYS B 5 9.18 14.79 -1.98
C LYS B 5 7.84 14.05 -2.22
N ASP B 6 7.91 12.84 -2.79
CA ASP B 6 6.73 12.08 -3.27
C ASP B 6 5.93 11.62 -2.06
N ALA B 7 6.58 11.46 -0.90
CA ALA B 7 5.89 11.01 0.33
C ALA B 7 4.73 11.94 0.65
N GLU B 8 4.88 13.23 0.33
CA GLU B 8 3.83 14.25 0.58
C GLU B 8 2.60 13.96 -0.27
N TYR B 9 2.78 13.31 -1.41
CA TYR B 9 1.70 13.21 -2.42
C TYR B 9 0.59 12.27 -1.92
N ILE B 10 -0.62 12.80 -1.84
CA ILE B 10 -1.82 12.05 -1.37
C ILE B 10 -2.49 11.51 -2.63
N TYR B 11 -2.64 10.20 -2.73
CA TYR B 11 -3.24 9.56 -3.93
C TYR B 11 -4.70 9.96 -4.05
N PRO B 12 -5.16 10.15 -5.30
CA PRO B 12 -6.49 10.69 -5.52
C PRO B 12 -7.52 9.62 -5.19
N SER B 13 -8.70 10.08 -4.77
CA SER B 13 -9.84 9.23 -4.41
C SER B 13 -11.12 9.89 -4.92
N LEU B 14 -12.12 9.11 -5.27
CA LEU B 14 -13.46 9.71 -5.57
C LEU B 14 -14.18 10.00 -4.24
N GLU B 15 -13.53 9.67 -3.11
CA GLU B 15 -13.94 10.01 -1.71
C GLU B 15 -12.94 11.02 -1.11
K K C . -6.04 -7.05 -22.90
NA NA D . 18.73 0.67 4.75
#